data_8JK5
#
_entry.id   8JK5
#
_cell.length_a   69.051
_cell.length_b   69.051
_cell.length_c   88.266
_cell.angle_alpha   90.00
_cell.angle_beta   90.00
_cell.angle_gamma   120.00
#
_symmetry.space_group_name_H-M   'P 32 2 1'
#
loop_
_entity.id
_entity.type
_entity.pdbx_description
1 polymer "bis(5'-nucleosyl)-tetraphosphatase (symmetrical)"
2 non-polymer 'FE (III) ION'
3 non-polymer 'SULFATE ION'
4 non-polymer GLYCEROL
5 water water
#
_entity_poly.entity_id   1
_entity_poly.type   'polypeptide(L)'
_entity_poly.pdbx_seq_one_letter_code
;MSYQDYINCSREALLEKMAELLPEKRLTHCLGVERAAMELAQRFGVDVEKASLAGLLHDYAKKLSDQEFLVLIDRYQLDP
DLKNWGNNVWHGMVGIYKIQEDLDLHDSEILRAIEIHTVGAGQMTDLDKVIYVADYIEHNRAFPGVDVAREIASLSLNKA
VAYETARTVEYLAHQGFPIYPQTLETYNAFVHYLKEDLEENLYFQGHHHHHHHHHH
;
_entity_poly.pdbx_strand_id   A
#
loop_
_chem_comp.id
_chem_comp.type
_chem_comp.name
_chem_comp.formula
FE non-polymer 'FE (III) ION' 'Fe 3'
GOL non-polymer GLYCEROL 'C3 H8 O3'
SO4 non-polymer 'SULFATE ION' 'O4 S -2'
#
# COMPACT_ATOMS: atom_id res chain seq x y z
N SER A 2 -8.69 12.10 -15.36
CA SER A 2 -7.42 11.43 -15.81
C SER A 2 -6.41 11.51 -14.68
N TYR A 3 -5.37 10.69 -14.78
CA TYR A 3 -4.28 10.72 -13.80
C TYR A 3 -3.59 12.07 -13.71
N GLN A 4 -3.61 12.84 -14.80
CA GLN A 4 -3.03 14.17 -14.82
C GLN A 4 -3.74 15.17 -13.90
N ASP A 5 -4.92 14.81 -13.40
CA ASP A 5 -5.60 15.63 -12.42
C ASP A 5 -4.90 15.58 -11.05
N TYR A 6 -4.03 14.58 -10.88
CA TYR A 6 -3.29 14.35 -9.62
C TYR A 6 -1.76 14.38 -9.73
N ILE A 7 -1.24 13.93 -10.87
CA ILE A 7 0.22 13.89 -11.10
C ILE A 7 0.62 14.66 -12.35
N ASN A 8 1.94 14.77 -12.55
CA ASN A 8 2.50 15.64 -13.58
C ASN A 8 2.74 14.98 -14.93
N CYS A 9 2.16 13.80 -15.15
CA CYS A 9 2.28 13.10 -16.41
C CYS A 9 1.05 12.23 -16.64
N SER A 10 0.92 11.74 -17.87
CA SER A 10 -0.14 10.80 -18.23
C SER A 10 0.11 9.41 -17.63
N ARG A 11 -0.91 8.56 -17.66
CA ARG A 11 -0.75 7.18 -17.22
C ARG A 11 0.32 6.43 -18.04
N GLU A 12 0.31 6.60 -19.36
CA GLU A 12 1.31 5.91 -20.20
C GLU A 12 2.73 6.37 -19.87
N ALA A 13 2.91 7.69 -19.71
CA ALA A 13 4.21 8.26 -19.35
C ALA A 13 4.66 7.72 -17.99
N LEU A 14 3.72 7.66 -17.05
CA LEU A 14 3.99 7.06 -15.73
C LEU A 14 4.45 5.61 -15.84
N LEU A 15 3.75 4.80 -16.62
CA LEU A 15 4.13 3.40 -16.82
C LEU A 15 5.54 3.24 -17.38
N GLU A 16 5.88 4.09 -18.35
CA GLU A 16 7.22 4.13 -18.90
C GLU A 16 8.27 4.47 -17.83
N LYS A 17 7.97 5.43 -16.94
CA LYS A 17 8.91 5.79 -15.84
C LYS A 17 9.05 4.63 -14.85
N MET A 18 7.92 4.00 -14.52
CA MET A 18 7.92 2.89 -13.58
C MET A 18 8.63 1.64 -14.11
N ALA A 19 8.57 1.42 -15.42
CA ALA A 19 9.22 0.28 -16.04
C ALA A 19 10.75 0.40 -15.93
N GLU A 20 11.25 1.63 -15.76
CA GLU A 20 12.68 1.88 -15.55
C GLU A 20 13.11 1.72 -14.09
N LEU A 21 12.18 1.99 -13.16
CA LEU A 21 12.44 1.93 -11.71
C LEU A 21 12.28 0.55 -11.08
N LEU A 22 11.35 -0.25 -11.61
CA LEU A 22 10.92 -1.49 -10.98
C LEU A 22 11.20 -2.69 -11.86
N PRO A 23 11.53 -3.84 -11.25
CA PRO A 23 11.62 -5.05 -12.08
C PRO A 23 10.25 -5.47 -12.64
N GLU A 24 10.24 -6.30 -13.69
CA GLU A 24 9.00 -6.69 -14.36
C GLU A 24 7.92 -7.21 -13.40
N LYS A 25 8.30 -8.11 -12.50
CA LYS A 25 7.36 -8.77 -11.60
C LYS A 25 6.67 -7.72 -10.72
N ARG A 26 7.45 -6.73 -10.27
CA ARG A 26 6.93 -5.68 -9.39
C ARG A 26 5.98 -4.72 -10.14
N LEU A 27 6.34 -4.34 -11.37
CA LEU A 27 5.44 -3.51 -12.19
C LEU A 27 4.15 -4.28 -12.52
N THR A 28 4.27 -5.56 -12.87
CA THR A 28 3.08 -6.41 -13.08
C THR A 28 2.18 -6.42 -11.84
N HIS A 29 2.81 -6.49 -10.67
CA HIS A 29 2.09 -6.43 -9.39
C HIS A 29 1.34 -5.10 -9.25
N CYS A 30 2.02 -3.99 -9.54
CA CYS A 30 1.40 -2.67 -9.44
C CYS A 30 0.21 -2.56 -10.39
N LEU A 31 0.34 -3.10 -11.61
CA LEU A 31 -0.78 -3.13 -12.55
C LEU A 31 -1.96 -3.94 -11.99
N GLY A 32 -1.62 -5.02 -11.29
CA GLY A 32 -2.61 -5.88 -10.65
C GLY A 32 -3.34 -5.17 -9.53
N VAL A 33 -2.60 -4.41 -8.72
CA VAL A 33 -3.20 -3.63 -7.64
C VAL A 33 -4.06 -2.49 -8.19
N GLU A 34 -3.63 -1.85 -9.27
CA GLU A 34 -4.43 -0.82 -9.94
C GLU A 34 -5.82 -1.38 -10.29
N ARG A 35 -5.84 -2.58 -10.88
CA ARG A 35 -7.09 -3.22 -11.28
C ARG A 35 -7.92 -3.67 -10.08
N ALA A 36 -7.28 -4.30 -9.11
CA ALA A 36 -7.97 -4.77 -7.92
C ALA A 36 -8.55 -3.61 -7.11
N ALA A 37 -7.81 -2.50 -7.02
CA ALA A 37 -8.31 -1.32 -6.31
C ALA A 37 -9.54 -0.74 -7.00
N MET A 38 -9.56 -0.72 -8.33
CA MET A 38 -10.73 -0.22 -9.06
C MET A 38 -11.96 -1.06 -8.70
N GLU A 39 -11.79 -2.38 -8.74
CA GLU A 39 -12.87 -3.33 -8.44
C GLU A 39 -13.40 -3.14 -7.02
N LEU A 40 -12.48 -3.04 -6.06
CA LEU A 40 -12.87 -2.86 -4.67
C LEU A 40 -13.53 -1.50 -4.44
N ALA A 41 -13.02 -0.48 -5.11
CA ALA A 41 -13.56 0.88 -4.95
C ALA A 41 -15.01 0.95 -5.46
N GLN A 42 -15.27 0.27 -6.57
CA GLN A 42 -16.62 0.16 -7.15
C GLN A 42 -17.53 -0.49 -6.12
N ARG A 43 -17.05 -1.58 -5.50
CA ARG A 43 -17.85 -2.38 -4.57
C ARG A 43 -18.23 -1.63 -3.28
N PHE A 44 -17.30 -0.81 -2.77
CA PHE A 44 -17.38 -0.19 -1.44
C PHE A 44 -17.51 1.35 -1.43
N GLY A 45 -17.80 1.94 -2.59
CA GLY A 45 -18.10 3.38 -2.71
C GLY A 45 -16.92 4.31 -2.50
N VAL A 46 -15.79 3.93 -3.08
CA VAL A 46 -14.59 4.76 -3.06
C VAL A 46 -14.34 5.27 -4.48
N ASP A 47 -13.88 6.51 -4.61
CA ASP A 47 -13.52 7.08 -5.92
C ASP A 47 -12.59 6.12 -6.70
N VAL A 48 -13.08 5.61 -7.84
CA VAL A 48 -12.35 4.58 -8.60
C VAL A 48 -11.02 5.10 -9.16
N GLU A 49 -10.97 6.40 -9.47
CA GLU A 49 -9.78 6.98 -10.07
C GLU A 49 -8.69 7.16 -9.01
N LYS A 50 -9.08 7.67 -7.84
CA LYS A 50 -8.12 7.80 -6.73
C LYS A 50 -7.59 6.43 -6.32
N ALA A 51 -8.49 5.46 -6.26
CA ALA A 51 -8.12 4.08 -5.92
C ALA A 51 -7.18 3.46 -6.96
N SER A 52 -7.52 3.60 -8.24
CA SER A 52 -6.68 3.09 -9.34
C SER A 52 -5.26 3.67 -9.29
N LEU A 53 -5.17 4.99 -9.14
CA LEU A 53 -3.90 5.68 -9.12
C LEU A 53 -3.06 5.30 -7.89
N ALA A 54 -3.70 5.30 -6.72
CA ALA A 54 -3.06 4.88 -5.47
C ALA A 54 -2.56 3.45 -5.61
N GLY A 55 -3.38 2.60 -6.24
CA GLY A 55 -2.99 1.18 -6.42
C GLY A 55 -1.77 1.03 -7.33
N LEU A 56 -1.77 1.77 -8.45
CA LEU A 56 -0.66 1.71 -9.38
C LEU A 56 0.62 2.23 -8.72
N LEU A 57 0.49 3.26 -7.90
CA LEU A 57 1.64 3.90 -7.29
C LEU A 57 2.14 3.28 -5.99
N HIS A 58 1.40 2.34 -5.39
CA HIS A 58 1.67 2.01 -3.97
C HIS A 58 3.10 1.50 -3.72
N ASP A 59 3.66 0.77 -4.69
CA ASP A 59 4.99 0.19 -4.58
C ASP A 59 6.03 0.90 -5.45
N TYR A 60 5.76 2.15 -5.84
CA TYR A 60 6.65 2.94 -6.69
C TYR A 60 8.08 3.05 -6.16
N ALA A 61 8.21 3.16 -4.83
CA ALA A 61 9.49 3.35 -4.14
C ALA A 61 10.11 2.04 -3.63
N LYS A 62 9.60 0.90 -4.09
CA LYS A 62 10.05 -0.40 -3.58
C LYS A 62 11.56 -0.64 -3.72
N LYS A 63 12.17 -0.08 -4.78
CA LYS A 63 13.59 -0.28 -5.06
C LYS A 63 14.53 0.85 -4.65
N LEU A 64 14.06 1.86 -3.93
CA LEU A 64 15.00 2.86 -3.40
C LEU A 64 15.98 2.19 -2.45
N SER A 65 17.23 2.67 -2.42
CA SER A 65 18.23 2.13 -1.52
C SER A 65 17.94 2.55 -0.08
N ASP A 66 18.49 1.81 0.88
CA ASP A 66 18.42 2.17 2.29
C ASP A 66 18.93 3.61 2.47
N GLN A 67 20.05 3.92 1.80
CA GLN A 67 20.66 5.24 1.95
C GLN A 67 19.72 6.32 1.50
N GLU A 68 19.00 6.08 0.40
CA GLU A 68 18.00 7.02 -0.11
C GLU A 68 16.86 7.27 0.90
N PHE A 69 16.37 6.17 1.49
CA PHE A 69 15.36 6.26 2.54
C PHE A 69 15.84 7.03 3.76
N LEU A 70 17.07 6.76 4.24
CA LEU A 70 17.61 7.48 5.39
C LEU A 70 17.73 8.99 5.13
N VAL A 71 18.19 9.33 3.92
CA VAL A 71 18.25 10.74 3.47
C VAL A 71 16.87 11.40 3.53
N LEU A 72 15.84 10.70 3.06
CA LEU A 72 14.47 11.24 3.12
C LEU A 72 13.93 11.44 4.54
N ILE A 73 14.24 10.52 5.46
CA ILE A 73 13.81 10.63 6.85
C ILE A 73 14.38 11.94 7.44
N ASP A 74 15.66 12.19 7.16
CA ASP A 74 16.36 13.40 7.66
C ASP A 74 15.78 14.66 7.00
N ARG A 75 15.67 14.63 5.67
CA ARG A 75 15.21 15.80 4.89
C ARG A 75 13.81 16.24 5.27
N TYR A 76 12.91 15.28 5.47
CA TYR A 76 11.53 15.56 5.84
C TYR A 76 11.27 15.55 7.36
N GLN A 77 12.33 15.35 8.14
CA GLN A 77 12.29 15.32 9.62
C GLN A 77 11.18 14.41 10.11
N LEU A 78 11.20 13.20 9.58
CA LEU A 78 10.23 12.18 9.90
C LEU A 78 10.60 11.52 11.21
N ASP A 79 9.64 10.80 11.80
CA ASP A 79 9.86 10.01 13.01
C ASP A 79 11.25 9.35 13.03
N PRO A 80 12.13 9.77 13.95
CA PRO A 80 13.50 9.20 13.95
C PRO A 80 13.56 7.70 14.22
N ASP A 81 12.52 7.17 14.89
CA ASP A 81 12.42 5.72 15.07
C ASP A 81 12.38 4.95 13.74
N LEU A 82 11.99 5.63 12.65
CA LEU A 82 11.99 4.97 11.34
C LEU A 82 13.35 4.42 10.93
N LYS A 83 14.44 5.04 11.37
CA LYS A 83 15.79 4.54 11.04
C LYS A 83 16.10 3.12 11.56
N ASN A 84 15.33 2.67 12.56
CA ASN A 84 15.47 1.33 13.15
C ASN A 84 14.83 0.20 12.35
N TRP A 85 14.20 0.54 11.23
CA TRP A 85 13.44 -0.42 10.44
C TRP A 85 14.09 -0.57 9.06
N GLY A 86 13.32 -0.82 8.02
CA GLY A 86 13.90 -1.10 6.72
C GLY A 86 12.86 -0.98 5.65
N ASN A 87 13.19 -1.53 4.48
CA ASN A 87 12.41 -1.32 3.27
C ASN A 87 10.90 -1.59 3.41
N ASN A 88 10.55 -2.69 4.09
CA ASN A 88 9.15 -3.06 4.32
C ASN A 88 8.34 -1.89 4.89
N VAL A 89 8.87 -1.24 5.94
CA VAL A 89 8.22 -0.06 6.51
C VAL A 89 8.42 1.18 5.61
N TRP A 90 9.64 1.36 5.10
CA TRP A 90 10.00 2.60 4.42
C TRP A 90 9.29 2.86 3.09
N HIS A 91 9.08 1.81 2.28
CA HIS A 91 8.69 2.06 0.88
C HIS A 91 7.35 2.78 0.79
N GLY A 92 6.45 2.52 1.73
CA GLY A 92 5.22 3.29 1.87
C GLY A 92 5.40 4.51 2.76
N MET A 93 5.88 4.31 4.00
CA MET A 93 5.84 5.38 5.01
C MET A 93 6.77 6.57 4.67
N VAL A 94 7.87 6.27 3.98
CA VAL A 94 8.87 7.27 3.55
C VAL A 94 8.78 7.49 2.03
N GLY A 95 8.50 6.41 1.29
CA GLY A 95 8.50 6.47 -0.17
C GLY A 95 7.52 7.45 -0.76
N ILE A 96 6.47 7.78 -0.02
CA ILE A 96 5.53 8.82 -0.45
C ILE A 96 6.20 10.15 -0.78
N TYR A 97 7.27 10.48 -0.06
CA TYR A 97 7.97 11.74 -0.32
C TYR A 97 8.71 11.74 -1.66
N LYS A 98 9.21 10.56 -2.06
CA LYS A 98 9.84 10.38 -3.36
C LYS A 98 8.81 10.45 -4.47
N ILE A 99 7.69 9.77 -4.25
CA ILE A 99 6.56 9.85 -5.17
C ILE A 99 6.15 11.31 -5.35
N GLN A 100 6.05 12.07 -4.25
CA GLN A 100 5.63 13.47 -4.32
C GLN A 100 6.62 14.31 -5.15
N GLU A 101 7.91 14.13 -4.85
CA GLU A 101 8.97 14.82 -5.58
C GLU A 101 8.92 14.53 -7.08
N ASP A 102 8.82 13.24 -7.42
CA ASP A 102 8.91 12.80 -8.82
C ASP A 102 7.67 13.17 -9.63
N LEU A 103 6.50 13.05 -9.01
CA LEU A 103 5.22 13.14 -9.74
C LEU A 103 4.37 14.35 -9.38
N ASP A 104 4.81 15.16 -8.41
CA ASP A 104 4.06 16.35 -7.93
C ASP A 104 2.69 15.90 -7.39
N LEU A 105 2.70 14.78 -6.67
CA LEU A 105 1.51 14.22 -6.04
C LEU A 105 1.32 14.89 -4.69
N HIS A 106 0.22 15.64 -4.57
CA HIS A 106 -0.11 16.40 -3.36
C HIS A 106 -1.47 16.06 -2.77
N ASP A 107 -2.22 15.16 -3.43
CA ASP A 107 -3.52 14.76 -2.91
C ASP A 107 -3.37 14.02 -1.59
N SER A 108 -3.89 14.61 -0.51
CA SER A 108 -3.66 14.06 0.83
C SER A 108 -4.22 12.65 1.01
N GLU A 109 -5.35 12.36 0.39
CA GLU A 109 -5.99 11.03 0.51
C GLU A 109 -5.18 9.92 -0.19
N ILE A 110 -4.75 10.19 -1.42
CA ILE A 110 -3.91 9.24 -2.16
C ILE A 110 -2.58 9.03 -1.42
N LEU A 111 -1.99 10.13 -0.95
CA LEU A 111 -0.72 10.00 -0.23
C LEU A 111 -0.86 9.15 1.01
N ARG A 112 -1.92 9.39 1.77
CA ARG A 112 -2.16 8.62 2.99
C ARG A 112 -2.34 7.13 2.66
N ALA A 113 -3.11 6.84 1.61
CA ALA A 113 -3.37 5.41 1.27
C ALA A 113 -2.08 4.68 0.91
N ILE A 114 -1.18 5.37 0.21
CA ILE A 114 0.13 4.78 -0.11
C ILE A 114 0.99 4.65 1.15
N GLU A 115 0.97 5.70 1.97
CA GLU A 115 1.79 5.79 3.19
C GLU A 115 1.65 4.58 4.08
N ILE A 116 0.39 4.16 4.29
CA ILE A 116 0.07 3.12 5.28
C ILE A 116 -0.30 1.79 4.61
N HIS A 117 0.02 1.61 3.33
CA HIS A 117 -0.46 0.42 2.61
C HIS A 117 0.12 -0.89 3.15
N THR A 118 1.27 -0.80 3.80
CA THR A 118 1.95 -1.96 4.38
C THR A 118 1.51 -2.20 5.82
N VAL A 119 1.48 -1.13 6.63
CA VAL A 119 1.32 -1.25 8.07
C VAL A 119 -0.09 -0.93 8.59
N GLY A 120 -0.92 -0.29 7.74
CA GLY A 120 -2.25 0.16 8.15
C GLY A 120 -2.17 1.27 9.17
N ALA A 121 -3.33 1.57 9.75
CA ALA A 121 -3.43 2.36 10.98
C ALA A 121 -4.70 1.98 11.75
N GLY A 122 -4.75 2.39 13.01
CA GLY A 122 -5.94 2.21 13.84
C GLY A 122 -7.19 2.85 13.27
N GLN A 123 -7.03 3.97 12.56
CA GLN A 123 -8.09 4.64 11.80
C GLN A 123 -7.67 4.69 10.34
N MET A 124 -8.49 4.12 9.47
CA MET A 124 -8.22 4.08 8.04
C MET A 124 -9.44 4.58 7.29
N THR A 125 -9.22 5.41 6.29
CA THR A 125 -10.28 5.79 5.34
C THR A 125 -10.65 4.56 4.51
N ASP A 126 -11.84 4.56 3.92
CA ASP A 126 -12.15 3.49 2.97
C ASP A 126 -11.14 3.38 1.81
N LEU A 127 -10.60 4.51 1.32
CA LEU A 127 -9.57 4.48 0.29
C LEU A 127 -8.32 3.74 0.78
N ASP A 128 -7.88 4.06 2.00
CA ASP A 128 -6.72 3.40 2.64
C ASP A 128 -6.99 1.89 2.68
N LYS A 129 -8.21 1.51 3.10
CA LYS A 129 -8.57 0.10 3.23
C LYS A 129 -8.55 -0.59 1.85
N VAL A 130 -9.08 0.09 0.83
CA VAL A 130 -9.08 -0.45 -0.52
C VAL A 130 -7.66 -0.81 -1.00
N ILE A 131 -6.71 0.11 -0.82
CA ILE A 131 -5.34 -0.14 -1.25
C ILE A 131 -4.70 -1.28 -0.44
N TYR A 132 -4.93 -1.26 0.87
CA TYR A 132 -4.35 -2.23 1.80
C TYR A 132 -4.78 -3.63 1.40
N VAL A 133 -6.06 -3.76 1.04
CA VAL A 133 -6.62 -5.05 0.62
C VAL A 133 -6.26 -5.40 -0.82
N ALA A 134 -6.34 -4.44 -1.74
CA ALA A 134 -6.01 -4.68 -3.16
C ALA A 134 -4.61 -5.26 -3.34
N ASP A 135 -3.69 -4.78 -2.51
CA ASP A 135 -2.31 -5.23 -2.53
C ASP A 135 -2.20 -6.75 -2.29
N TYR A 136 -3.08 -7.26 -1.44
CA TYR A 136 -3.05 -8.63 -0.97
C TYR A 136 -3.80 -9.56 -1.90
N ILE A 137 -4.81 -9.06 -2.60
CA ILE A 137 -5.71 -9.94 -3.37
C ILE A 137 -5.58 -9.83 -4.88
N GLU A 138 -4.69 -8.94 -5.35
CA GLU A 138 -4.51 -8.73 -6.81
C GLU A 138 -4.23 -10.03 -7.55
N HIS A 139 -4.64 -10.09 -8.81
CA HIS A 139 -4.78 -11.36 -9.55
C HIS A 139 -3.49 -12.18 -9.69
N ASN A 140 -2.32 -11.53 -9.67
CA ASN A 140 -1.02 -12.23 -9.76
C ASN A 140 -0.63 -12.96 -8.47
N ARG A 141 -1.28 -12.63 -7.34
CA ARG A 141 -0.94 -13.28 -6.06
C ARG A 141 -1.51 -14.69 -6.08
N ALA A 142 -0.72 -15.63 -5.57
CA ALA A 142 -1.14 -17.03 -5.52
C ALA A 142 -0.77 -17.73 -4.22
N PHE A 143 -0.45 -16.97 -3.17
CA PHE A 143 -0.12 -17.58 -1.87
C PHE A 143 -1.30 -18.41 -1.35
N PRO A 144 -1.01 -19.51 -0.63
CA PRO A 144 -2.10 -20.32 -0.07
C PRO A 144 -2.95 -19.50 0.88
N GLY A 145 -4.25 -19.49 0.59
CA GLY A 145 -5.21 -18.75 1.37
C GLY A 145 -5.66 -17.50 0.68
N VAL A 146 -5.05 -17.15 -0.46
CA VAL A 146 -5.49 -15.96 -1.21
C VAL A 146 -6.97 -16.06 -1.61
N ASP A 147 -7.46 -17.28 -1.85
CA ASP A 147 -8.88 -17.50 -2.15
C ASP A 147 -9.82 -17.04 -1.03
N VAL A 148 -9.40 -17.26 0.21
CA VAL A 148 -10.18 -16.87 1.40
C VAL A 148 -10.21 -15.35 1.47
N ALA A 149 -9.05 -14.72 1.29
CA ALA A 149 -8.93 -13.27 1.26
C ALA A 149 -9.86 -12.67 0.20
N ARG A 150 -9.89 -13.28 -0.97
CA ARG A 150 -10.72 -12.78 -2.07
C ARG A 150 -12.21 -12.91 -1.72
N GLU A 151 -12.59 -14.03 -1.12
CA GLU A 151 -13.99 -14.22 -0.73
C GLU A 151 -14.42 -13.17 0.31
N ILE A 152 -13.58 -12.97 1.33
CA ILE A 152 -13.90 -11.98 2.37
C ILE A 152 -14.03 -10.57 1.75
N ALA A 153 -13.10 -10.21 0.87
CA ALA A 153 -13.07 -8.91 0.22
C ALA A 153 -14.28 -8.69 -0.69
N SER A 154 -14.92 -9.77 -1.17
CA SER A 154 -16.16 -9.65 -1.94
C SER A 154 -17.37 -9.22 -1.10
N LEU A 155 -17.25 -9.37 0.22
CA LEU A 155 -18.33 -9.18 1.18
C LEU A 155 -18.13 -7.99 2.13
N SER A 156 -16.92 -7.86 2.69
CA SER A 156 -16.67 -6.84 3.73
C SER A 156 -15.26 -6.29 3.62
N LEU A 157 -15.17 -4.97 3.49
CA LEU A 157 -13.88 -4.33 3.40
C LEU A 157 -13.18 -4.39 4.75
N ASN A 158 -13.94 -4.12 5.81
CA ASN A 158 -13.37 -4.16 7.15
C ASN A 158 -12.87 -5.55 7.55
N LYS A 159 -13.67 -6.57 7.23
CA LYS A 159 -13.27 -7.94 7.54
C LYS A 159 -12.03 -8.34 6.71
N ALA A 160 -11.94 -7.86 5.48
CA ALA A 160 -10.74 -8.13 4.66
C ALA A 160 -9.48 -7.48 5.26
N VAL A 161 -9.60 -6.26 5.77
CA VAL A 161 -8.47 -5.60 6.45
C VAL A 161 -8.05 -6.45 7.65
N ALA A 162 -9.04 -6.87 8.44
CA ALA A 162 -8.82 -7.66 9.66
C ALA A 162 -8.10 -8.95 9.34
N TYR A 163 -8.60 -9.65 8.32
CA TYR A 163 -8.05 -10.94 7.93
C TYR A 163 -6.60 -10.80 7.47
N GLU A 164 -6.35 -9.82 6.60
CA GLU A 164 -4.99 -9.60 6.09
C GLU A 164 -4.06 -9.26 7.24
N THR A 165 -4.52 -8.38 8.14
CA THR A 165 -3.65 -7.92 9.24
C THR A 165 -3.29 -9.09 10.17
N ALA A 166 -4.28 -9.92 10.47
CA ALA A 166 -4.07 -11.08 11.33
C ALA A 166 -3.08 -12.03 10.68
N ARG A 167 -3.24 -12.29 9.38
CA ARG A 167 -2.30 -13.19 8.68
C ARG A 167 -0.88 -12.64 8.66
N THR A 168 -0.75 -11.33 8.53
CA THR A 168 0.56 -10.67 8.51
C THR A 168 1.25 -10.77 9.86
N VAL A 169 0.52 -10.46 10.93
CA VAL A 169 1.08 -10.59 12.29
C VAL A 169 1.44 -12.05 12.58
N GLU A 170 0.53 -12.97 12.26
CA GLU A 170 0.83 -14.40 12.41
C GLU A 170 2.11 -14.80 11.69
N TYR A 171 2.24 -14.38 10.44
CA TYR A 171 3.38 -14.75 9.63
C TYR A 171 4.68 -14.14 10.16
N LEU A 172 4.65 -12.86 10.50
CA LEU A 172 5.86 -12.23 11.04
C LEU A 172 6.34 -12.94 12.32
N ALA A 173 5.41 -13.31 13.19
CA ALA A 173 5.77 -14.01 14.42
C ALA A 173 6.26 -15.44 14.12
N HIS A 174 5.61 -16.09 13.15
CA HIS A 174 6.03 -17.42 12.67
C HIS A 174 7.49 -17.37 12.19
N GLN A 175 7.84 -16.32 11.45
CA GLN A 175 9.17 -16.20 10.83
C GLN A 175 10.22 -15.66 11.79
N GLY A 176 9.77 -15.06 12.90
CA GLY A 176 10.66 -14.42 13.87
C GLY A 176 11.15 -13.06 13.42
N PHE A 177 10.30 -12.31 12.72
CA PHE A 177 10.60 -10.94 12.28
C PHE A 177 9.98 -9.90 13.21
N PRO A 178 10.68 -8.76 13.44
CA PRO A 178 10.11 -7.66 14.23
C PRO A 178 8.81 -7.17 13.59
N ILE A 179 7.87 -6.75 14.44
CA ILE A 179 6.55 -6.29 14.02
C ILE A 179 6.44 -4.80 14.27
N TYR A 180 6.27 -4.05 13.19
CA TYR A 180 6.15 -2.60 13.34
C TYR A 180 4.97 -2.24 14.24
N PRO A 181 5.18 -1.36 15.24
CA PRO A 181 4.09 -1.15 16.19
C PRO A 181 2.78 -0.63 15.59
N GLN A 182 2.84 0.16 14.52
CA GLN A 182 1.63 0.61 13.87
C GLN A 182 0.84 -0.57 13.31
N THR A 183 1.51 -1.64 12.92
CA THR A 183 0.82 -2.86 12.47
C THR A 183 -0.06 -3.43 13.58
N LEU A 184 0.45 -3.40 14.81
CA LEU A 184 -0.34 -3.87 15.95
C LEU A 184 -1.54 -2.96 16.23
N GLU A 185 -1.36 -1.65 16.04
CA GLU A 185 -2.49 -0.72 16.16
C GLU A 185 -3.62 -1.10 15.21
N THR A 186 -3.25 -1.38 13.95
CA THR A 186 -4.23 -1.82 12.94
C THR A 186 -4.88 -3.12 13.38
N TYR A 187 -4.04 -4.09 13.76
CA TYR A 187 -4.51 -5.40 14.16
C TYR A 187 -5.57 -5.29 15.27
N ASN A 188 -5.23 -4.56 16.34
CA ASN A 188 -6.13 -4.45 17.49
C ASN A 188 -7.42 -3.71 17.18
N ALA A 189 -7.34 -2.76 16.26
CA ALA A 189 -8.50 -1.97 15.87
C ALA A 189 -9.46 -2.80 15.01
N PHE A 190 -8.93 -3.72 14.20
CA PHE A 190 -9.75 -4.44 13.21
C PHE A 190 -10.10 -5.87 13.59
N VAL A 191 -9.40 -6.43 14.58
CA VAL A 191 -9.54 -7.87 14.85
C VAL A 191 -10.98 -8.29 15.22
N HIS A 192 -11.77 -7.40 15.83
CA HIS A 192 -13.16 -7.73 16.17
C HIS A 192 -14.00 -8.15 14.96
N TYR A 193 -13.61 -7.71 13.75
CA TYR A 193 -14.34 -8.06 12.52
C TYR A 193 -14.29 -9.53 12.13
N LEU A 194 -13.37 -10.29 12.72
CA LEU A 194 -13.26 -11.69 12.42
C LEU A 194 -14.30 -12.52 13.15
N LYS A 195 -15.11 -11.90 13.99
CA LYS A 195 -16.11 -12.65 14.73
C LYS A 195 -17.44 -12.76 14.00
FE FE B . 4.27 -2.49 -0.64
FE FE C . 2.43 -4.24 -3.19
S SO4 D . 2.61 -14.69 -4.26
O1 SO4 D . 3.33 -15.22 -3.08
O2 SO4 D . 1.45 -13.92 -3.79
O3 SO4 D . 2.14 -15.78 -5.13
O4 SO4 D . 3.53 -13.80 -5.01
S SO4 E . 12.75 -4.98 5.92
O1 SO4 E . 12.33 -6.34 6.34
O2 SO4 E . 12.05 -3.96 6.76
O3 SO4 E . 14.21 -4.85 6.08
O4 SO4 E . 12.38 -4.77 4.50
C1 GOL F . 3.21 -5.79 1.45
O1 GOL F . 3.13 -6.40 0.16
C2 GOL F . 4.43 -4.94 1.25
O2 GOL F . 4.03 -3.57 1.40
C3 GOL F . 5.58 -5.37 2.13
O3 GOL F . 6.71 -5.74 1.31
#